data_3OT1
#
_entry.id   3OT1
#
_cell.length_a   64.387
_cell.length_b   64.683
_cell.length_c   81.592
_cell.angle_alpha   90.00
_cell.angle_beta   90.00
_cell.angle_gamma   90.00
#
_symmetry.space_group_name_H-M   'P 21 21 21'
#
loop_
_entity.id
_entity.type
_entity.pdbx_description
1 polymer '4-methyl-5(B-hydroxyethyl)-thiazole monophosphate biosynthesis enzyme'
2 polymer '4-methyl-5(B-hydroxyethyl)-thiazole monophosphate biosynthesis enzyme'
3 non-polymer 'CHLORIDE ION'
4 non-polymer 'SODIUM ION'
5 water water
#
loop_
_entity_poly.entity_id
_entity_poly.type
_entity_poly.pdbx_seq_one_letter_code
_entity_poly.pdbx_strand_id
1 'polypeptide(L)'
;SNA(MSE)EQG(MSE)SKRILVPVAHGSEE(MSE)ETVIIVDTLVRAGFQVT(MSE)AAVGDKLQVQGSRGVWLTAEQTL
EACSAEAFDALALPGGVGGAQAFADSTALLALIDAFSQQGKLVAAICATPALVFAKQQKFVGAR(MSE)TCHPNFFDHIP
SERLSRQRVCYYATQHLLTSQGPGTALEFALA(MSE)IALLAGVELAQHVAAP(MSE)VLHPQQLTELSGFIDAQS
;
A
2 'polypeptide(L)'
;SNA(MSE)EQG(MSE)SKRILVPVAHGSEE(MSE)ETVIIVDTLVRAGFQVT(MSE)AAVGDKLQVQGSRGVWLTAEQTL
EACSAEAFDALALPGGVGGAQAFADSTALLALIDAFSQQGKLVAAI(CSX)ATPALVFAKQQKFVGAR(MSE)TCHPNFF
DHIPSERLSRQRVCYYATQHLLTSQGPGTALEFALA(MSE)IALLAGVELAQHVAAP(MSE)VLHPQQLTELSGFIDAQS
;
B
#
# COMPACT_ATOMS: atom_id res chain seq x y z
N SER A 9 11.99 4.52 21.72
CA SER A 9 10.56 4.85 21.99
C SER A 9 9.63 4.58 20.79
N LYS A 10 10.07 3.67 19.92
N LYS A 10 10.09 3.69 19.90
CA LYS A 10 9.32 3.18 18.75
CA LYS A 10 9.31 3.18 18.75
C LYS A 10 8.92 4.30 17.81
C LYS A 10 8.96 4.23 17.72
N ARG A 11 9.88 5.14 17.46
CA ARG A 11 9.65 6.32 16.64
C ARG A 11 10.33 6.12 15.28
N ILE A 12 9.57 6.29 14.19
CA ILE A 12 10.09 6.04 12.85
C ILE A 12 9.93 7.31 12.01
N LEU A 13 10.99 7.65 11.29
CA LEU A 13 10.96 8.76 10.34
C LEU A 13 10.84 8.21 8.93
N VAL A 14 9.82 8.66 8.18
CA VAL A 14 9.57 8.25 6.80
C VAL A 14 9.58 9.48 5.91
N PRO A 15 10.73 9.76 5.27
CA PRO A 15 10.78 10.86 4.32
C PRO A 15 9.96 10.55 3.08
N VAL A 16 9.36 11.60 2.51
CA VAL A 16 8.62 11.49 1.26
C VAL A 16 9.01 12.65 0.37
N ALA A 17 8.93 12.42 -0.93
CA ALA A 17 9.27 13.44 -1.92
C ALA A 17 8.31 13.34 -3.08
N HIS A 18 8.29 14.39 -3.89
CA HIS A 18 7.65 14.34 -5.20
C HIS A 18 8.19 13.13 -5.94
N GLY A 19 7.32 12.23 -6.34
CA GLY A 19 7.74 11.05 -7.04
C GLY A 19 7.97 9.83 -6.19
N SER A 20 7.82 9.94 -4.88
CA SER A 20 7.90 8.76 -4.05
C SER A 20 6.79 7.77 -4.41
N GLU A 21 7.11 6.50 -4.29
CA GLU A 21 6.16 5.41 -4.57
C GLU A 21 5.15 5.39 -3.43
N GLU A 22 3.92 5.77 -3.74
CA GLU A 22 2.94 6.01 -2.70
C GLU A 22 2.45 4.75 -2.03
N GLU A 24 4.24 1.99 -1.60
CA GLU A 24 5.31 1.62 -0.70
C GLU A 24 5.28 2.46 0.58
N THR A 25 5.16 3.77 0.38
CA THR A 25 5.13 4.70 1.51
C THR A 25 4.01 4.36 2.48
N VAL A 26 2.81 4.20 1.97
CA VAL A 26 1.65 4.02 2.82
C VAL A 26 1.65 2.63 3.46
N ILE A 27 2.13 1.61 2.75
CA ILE A 27 2.30 0.31 3.37
C ILE A 27 3.25 0.40 4.56
N ILE A 28 4.36 1.10 4.39
CA ILE A 28 5.31 1.25 5.50
C ILE A 28 4.64 1.97 6.66
N VAL A 29 4.04 3.11 6.41
CA VAL A 29 3.48 3.89 7.51
C VAL A 29 2.38 3.11 8.24
N ASP A 30 1.44 2.59 7.46
CA ASP A 30 0.27 1.89 8.02
C ASP A 30 0.73 0.70 8.85
N THR A 31 1.60 -0.13 8.29
CA THR A 31 2.04 -1.32 8.98
C THR A 31 2.75 -0.99 10.28
N LEU A 32 3.59 0.03 10.26
CA LEU A 32 4.28 0.41 11.49
C LEU A 32 3.32 1.00 12.52
N VAL A 33 2.32 1.75 12.07
CA VAL A 33 1.32 2.27 13.00
C VAL A 33 0.52 1.11 13.65
N ARG A 34 0.24 0.07 12.88
CA ARG A 34 -0.42 -1.11 13.41
C ARG A 34 0.37 -1.78 14.52
N ALA A 35 1.68 -1.63 14.45
CA ALA A 35 2.61 -2.18 15.43
C ALA A 35 2.83 -1.26 16.63
N GLY A 36 2.08 -0.17 16.73
CA GLY A 36 2.18 0.72 17.87
C GLY A 36 3.30 1.74 17.77
N PHE A 37 3.91 1.87 16.60
CA PHE A 37 5.00 2.82 16.45
CA PHE A 37 4.97 2.88 16.42
C PHE A 37 4.41 4.23 16.17
N GLN A 38 5.19 5.24 16.54
N GLN A 38 5.22 5.22 16.53
CA GLN A 38 4.89 6.62 16.20
CA GLN A 38 4.93 6.61 16.25
C GLN A 38 5.66 6.98 14.95
C GLN A 38 5.66 6.98 14.95
N VAL A 39 4.92 7.21 13.87
CA VAL A 39 5.50 7.38 12.54
C VAL A 39 5.32 8.80 12.07
N THR A 40 6.43 9.44 11.70
CA THR A 40 6.44 10.79 11.18
C THR A 40 6.80 10.75 9.70
N ALA A 42 7.83 13.04 6.66
CA ALA A 42 8.49 14.33 6.54
C ALA A 42 8.84 14.59 5.09
N ALA A 43 8.48 15.75 4.58
CA ALA A 43 8.63 16.06 3.16
C ALA A 43 9.98 16.66 2.81
N VAL A 44 10.57 16.15 1.74
CA VAL A 44 11.65 16.82 1.05
C VAL A 44 11.11 18.05 0.33
N GLY A 45 11.81 19.16 0.58
N GLY A 45 11.77 19.20 0.44
CA GLY A 45 11.42 20.47 0.14
CA GLY A 45 11.39 20.37 -0.37
C GLY A 45 10.77 21.27 1.23
C GLY A 45 10.58 21.44 0.34
N ASP A 46 10.00 22.24 0.76
N ASP A 46 9.87 22.26 -0.43
CA ASP A 46 9.38 23.24 1.61
CA ASP A 46 9.29 23.51 0.09
C ASP A 46 7.86 23.19 1.52
C ASP A 46 7.85 23.44 0.63
N LYS A 47 7.29 22.23 0.75
CA LYS A 47 5.84 22.01 0.76
CA LYS A 47 5.88 22.07 1.01
C LYS A 47 5.59 20.73 1.59
N LEU A 48 4.64 20.72 2.49
CA LEU A 48 4.38 19.52 3.26
C LEU A 48 3.62 18.43 2.49
N GLN A 49 2.90 18.81 1.44
CA GLN A 49 2.30 17.81 0.58
C GLN A 49 3.16 17.64 -0.66
N VAL A 50 3.34 16.39 -1.06
CA VAL A 50 4.09 16.04 -2.24
C VAL A 50 3.28 15.04 -3.04
N GLN A 51 3.42 15.07 -4.35
CA GLN A 51 2.64 14.18 -5.19
C GLN A 51 3.44 12.92 -5.47
N GLY A 52 2.87 11.77 -5.12
CA GLY A 52 3.49 10.50 -5.39
C GLY A 52 3.61 10.19 -6.86
N SER A 53 4.35 9.14 -7.14
CA SER A 53 4.67 8.72 -8.49
C SER A 53 3.46 8.46 -9.39
N ARG A 54 2.36 8.01 -8.79
CA ARG A 54 1.12 7.71 -9.52
C ARG A 54 0.01 8.70 -9.18
N GLY A 55 0.40 9.87 -8.71
CA GLY A 55 -0.50 10.98 -8.56
C GLY A 55 -1.10 11.13 -7.17
N VAL A 56 -0.88 10.18 -6.27
CA VAL A 56 -1.51 10.22 -4.96
C VAL A 56 -0.77 11.24 -4.09
N TRP A 57 -1.52 12.19 -3.50
CA TRP A 57 -0.92 13.19 -2.63
C TRP A 57 -0.54 12.58 -1.29
N LEU A 58 0.71 12.81 -0.89
CA LEU A 58 1.25 12.39 0.39
C LEU A 58 1.40 13.63 1.25
N THR A 59 0.69 13.67 2.36
CA THR A 59 0.66 14.81 3.25
C THR A 59 1.54 14.55 4.47
N ALA A 60 2.70 15.19 4.50
CA ALA A 60 3.62 15.05 5.60
C ALA A 60 3.25 16.00 6.74
N GLU A 61 3.79 15.71 7.91
CA GLU A 61 3.50 16.54 9.08
C GLU A 61 4.59 17.54 9.38
N GLN A 62 5.72 17.42 8.72
CA GLN A 62 6.80 18.37 8.89
C GLN A 62 7.76 18.24 7.72
N THR A 63 8.66 19.19 7.69
CA THR A 63 9.64 19.26 6.64
CA THR A 63 9.66 19.29 6.65
C THR A 63 10.87 18.43 7.03
N LEU A 64 11.56 17.90 6.04
CA LEU A 64 12.76 17.11 6.31
C LEU A 64 13.84 17.92 7.04
N GLU A 65 13.96 19.22 6.76
N GLU A 65 13.94 19.23 6.75
CA GLU A 65 14.94 20.08 7.46
CA GLU A 65 14.85 20.17 7.46
C GLU A 65 14.69 20.23 8.97
C GLU A 65 14.70 20.08 8.97
N ALA A 66 13.45 20.02 9.42
CA ALA A 66 13.11 20.04 10.85
C ALA A 66 13.38 18.72 11.60
N CYS A 67 13.95 17.72 10.91
CA CYS A 67 14.14 16.44 11.50
C CYS A 67 15.52 16.26 12.04
N SER A 68 15.60 15.68 13.23
CA SER A 68 16.91 15.29 13.76
CA SER A 68 16.88 15.33 13.85
C SER A 68 16.84 13.87 14.28
N ALA A 69 17.92 13.14 14.01
CA ALA A 69 17.94 11.71 14.22
C ALA A 69 17.69 11.30 15.66
N GLU A 70 18.07 12.12 16.67
CA GLU A 70 17.89 11.72 18.09
CA GLU A 70 17.90 11.76 18.08
C GLU A 70 16.44 11.56 18.48
N ALA A 71 15.52 12.14 17.69
CA ALA A 71 14.09 12.02 17.94
C ALA A 71 13.49 10.74 17.40
N PHE A 72 14.30 9.88 16.78
CA PHE A 72 13.78 8.67 16.14
C PHE A 72 14.63 7.46 16.45
N ASP A 73 14.03 6.29 16.31
CA ASP A 73 14.72 5.04 16.46
C ASP A 73 15.13 4.41 15.13
N ALA A 74 14.48 4.81 14.03
CA ALA A 74 14.78 4.23 12.74
C ALA A 74 14.31 5.14 11.63
N LEU A 75 14.94 4.95 10.48
CA LEU A 75 14.70 5.72 9.27
C LEU A 75 14.23 4.73 8.19
N ALA A 76 13.08 5.00 7.55
CA ALA A 76 12.55 4.15 6.50
C ALA A 76 12.34 4.96 5.23
N LEU A 77 13.01 4.56 4.16
CA LEU A 77 13.03 5.31 2.91
C LEU A 77 12.23 4.57 1.85
N PRO A 78 11.09 5.15 1.42
CA PRO A 78 10.37 4.61 0.27
CA PRO A 78 10.42 4.52 0.30
C PRO A 78 11.18 4.70 -1.01
N GLY A 79 10.73 3.97 -2.01
CA GLY A 79 11.30 4.03 -3.34
C GLY A 79 10.49 4.90 -4.27
N GLY A 80 10.36 4.44 -5.51
CA GLY A 80 9.92 5.28 -6.63
C GLY A 80 11.13 5.93 -7.26
N VAL A 81 11.16 6.01 -8.59
CA VAL A 81 12.34 6.51 -9.25
C VAL A 81 12.54 8.02 -9.02
N GLY A 82 11.49 8.79 -9.27
CA GLY A 82 11.59 10.23 -9.02
C GLY A 82 11.85 10.57 -7.56
N GLY A 83 11.21 9.85 -6.66
CA GLY A 83 11.38 10.06 -5.24
C GLY A 83 12.80 9.72 -4.79
N ALA A 84 13.32 8.59 -5.24
CA ALA A 84 14.70 8.22 -4.91
C ALA A 84 15.69 9.26 -5.43
N GLN A 85 15.44 9.79 -6.63
CA GLN A 85 16.33 10.84 -7.18
CA GLN A 85 16.34 10.82 -7.16
C GLN A 85 16.24 12.10 -6.32
N ALA A 86 15.04 12.45 -5.89
CA ALA A 86 14.85 13.59 -5.00
C ALA A 86 15.61 13.40 -3.69
N PHE A 87 15.59 12.19 -3.15
CA PHE A 87 16.36 11.86 -1.95
C PHE A 87 17.86 12.05 -2.21
N ALA A 88 18.32 11.54 -3.34
CA ALA A 88 19.75 11.64 -3.69
C ALA A 88 20.23 13.07 -3.85
N ASP A 89 19.31 13.95 -4.26
CA ASP A 89 19.58 15.36 -4.48
C ASP A 89 19.35 16.23 -3.24
N SER A 90 18.98 15.62 -2.12
CA SER A 90 18.66 16.35 -0.92
C SER A 90 19.79 16.27 0.07
N THR A 91 20.43 17.40 0.30
CA THR A 91 21.48 17.53 1.31
C THR A 91 21.01 16.99 2.65
N ALA A 92 19.82 17.40 3.06
CA ALA A 92 19.30 17.02 4.36
C ALA A 92 19.05 15.52 4.43
N LEU A 93 18.54 14.92 3.37
CA LEU A 93 18.25 13.49 3.40
C LEU A 93 19.55 12.71 3.55
N LEU A 94 20.54 13.06 2.73
CA LEU A 94 21.82 12.37 2.80
C LEU A 94 22.46 12.51 4.18
N ALA A 95 22.37 13.69 4.77
CA ALA A 95 22.87 13.90 6.13
C ALA A 95 22.13 13.05 7.15
N LEU A 96 20.81 12.87 7.00
CA LEU A 96 20.07 12.04 7.92
C LEU A 96 20.51 10.59 7.82
N ILE A 97 20.81 10.11 6.62
CA ILE A 97 21.32 8.75 6.50
C ILE A 97 22.61 8.61 7.35
N ASP A 98 23.51 9.57 7.22
CA ASP A 98 24.74 9.57 7.99
C ASP A 98 24.43 9.61 9.50
N ALA A 99 23.52 10.47 9.89
CA ALA A 99 23.22 10.66 11.32
C ALA A 99 22.63 9.40 11.93
N PHE A 100 21.64 8.78 11.29
CA PHE A 100 21.04 7.57 11.80
C PHE A 100 22.05 6.45 11.88
N SER A 101 22.82 6.24 10.82
CA SER A 101 23.76 5.16 10.78
C SER A 101 24.87 5.33 11.82
N GLN A 102 25.28 6.57 12.05
CA GLN A 102 26.34 6.84 13.04
C GLN A 102 25.82 6.87 14.47
N GLN A 103 24.53 6.73 14.66
CA GLN A 103 23.90 6.49 15.95
C GLN A 103 23.53 5.02 16.16
N GLY A 104 23.91 4.17 15.22
CA GLY A 104 23.67 2.74 15.32
C GLY A 104 22.25 2.31 15.07
N LYS A 105 21.46 3.19 14.44
CA LYS A 105 20.04 2.95 14.24
C LYS A 105 19.75 2.28 12.92
N LEU A 106 18.70 1.47 12.90
CA LEU A 106 18.23 0.87 11.68
C LEU A 106 17.90 1.91 10.63
N VAL A 107 18.46 1.70 9.45
CA VAL A 107 18.07 2.38 8.22
C VAL A 107 17.51 1.32 7.29
N ALA A 108 16.33 1.61 6.76
CA ALA A 108 15.60 0.67 5.91
C ALA A 108 15.25 1.37 4.62
N ALA A 109 15.40 0.71 3.48
CA ALA A 109 15.09 1.32 2.21
C ALA A 109 14.62 0.28 1.20
N ILE A 110 13.76 0.71 0.28
CA ILE A 110 13.14 -0.21 -0.66
C ILE A 110 13.23 0.33 -2.07
N CYS A 111 13.11 -0.61 -3.02
CA CYS A 111 12.90 -0.30 -4.41
C CYS A 111 14.09 0.45 -5.05
N ALA A 112 13.87 1.60 -5.67
CA ALA A 112 14.95 2.31 -6.34
C ALA A 112 15.97 2.90 -5.36
N THR A 113 15.58 3.13 -4.12
CA THR A 113 16.39 3.92 -3.22
C THR A 113 17.78 3.35 -2.92
N PRO A 114 17.90 2.05 -2.66
CA PRO A 114 19.27 1.55 -2.39
C PRO A 114 20.20 1.78 -3.59
N ALA A 115 19.67 1.71 -4.81
CA ALA A 115 20.46 1.94 -6.02
C ALA A 115 20.74 3.42 -6.27
N LEU A 116 19.68 4.23 -6.32
CA LEU A 116 19.80 5.62 -6.73
C LEU A 116 20.26 6.55 -5.62
N VAL A 117 20.15 6.12 -4.36
CA VAL A 117 20.63 6.89 -3.23
C VAL A 117 21.92 6.26 -2.66
N PHE A 118 21.85 5.04 -2.14
CA PHE A 118 23.02 4.51 -1.43
C PHE A 118 24.22 4.27 -2.36
N ALA A 119 23.98 3.54 -3.44
CA ALA A 119 25.06 3.20 -4.35
C ALA A 119 25.63 4.48 -4.98
N LYS A 120 24.78 5.45 -5.36
CA LYS A 120 25.23 6.69 -6.00
C LYS A 120 25.91 7.72 -5.10
N GLN A 121 25.56 7.74 -3.80
CA GLN A 121 26.06 8.75 -2.87
C GLN A 121 26.94 8.16 -1.77
N GLN A 122 27.47 6.97 -2.03
CA GLN A 122 28.41 6.30 -1.12
C GLN A 122 27.86 6.18 0.28
N LYS A 123 26.65 5.66 0.39
CA LYS A 123 26.10 5.29 1.68
C LYS A 123 26.11 3.77 1.79
N PHE A 124 26.40 3.27 2.98
CA PHE A 124 26.45 1.82 3.25
C PHE A 124 27.43 1.11 2.32
N VAL A 125 28.56 1.75 2.07
CA VAL A 125 29.63 1.14 1.32
C VAL A 125 30.05 -0.15 2.02
N GLY A 126 30.16 -1.21 1.23
CA GLY A 126 30.50 -2.50 1.78
C GLY A 126 29.34 -3.35 2.29
N ALA A 127 28.13 -2.80 2.33
CA ALA A 127 26.98 -3.55 2.84
C ALA A 127 26.37 -4.44 1.77
N ARG A 128 25.89 -5.60 2.18
CA ARG A 128 25.00 -6.40 1.34
C ARG A 128 23.66 -5.70 1.28
N THR A 130 19.77 -5.40 -1.32
CA THR A 130 18.96 -5.62 -2.50
C THR A 130 18.32 -4.29 -2.90
N CYS A 131 17.60 -4.32 -4.01
CA CYS A 131 16.89 -3.15 -4.54
C CYS A 131 15.92 -3.64 -5.59
N HIS A 132 15.26 -2.72 -6.27
CA HIS A 132 14.37 -3.16 -7.35
C HIS A 132 15.17 -3.88 -8.43
N PRO A 133 14.65 -5.00 -8.95
CA PRO A 133 15.40 -5.75 -9.96
C PRO A 133 15.83 -4.93 -11.15
N ASN A 134 15.05 -3.91 -11.53
CA ASN A 134 15.41 -3.11 -12.68
C ASN A 134 16.62 -2.22 -12.41
N PHE A 135 17.11 -2.24 -11.15
CA PHE A 135 18.29 -1.49 -10.74
C PHE A 135 19.39 -2.36 -10.12
N PHE A 136 19.26 -3.68 -10.23
CA PHE A 136 20.29 -4.59 -9.68
C PHE A 136 21.70 -4.24 -10.17
N ASP A 137 21.77 -3.77 -11.41
CA ASP A 137 23.06 -3.47 -12.01
C ASP A 137 23.80 -2.28 -11.36
N HIS A 138 23.12 -1.55 -10.49
CA HIS A 138 23.74 -0.46 -9.76
C HIS A 138 24.51 -0.92 -8.50
N ILE A 139 24.29 -2.15 -8.07
CA ILE A 139 24.87 -2.63 -6.83
C ILE A 139 26.11 -3.47 -7.18
N PRO A 140 27.22 -3.31 -6.43
CA PRO A 140 28.37 -4.18 -6.72
C PRO A 140 27.96 -5.65 -6.69
N SER A 141 28.36 -6.40 -7.71
CA SER A 141 27.86 -7.74 -7.90
C SER A 141 28.09 -8.65 -6.68
N GLU A 142 29.22 -8.47 -6.01
CA GLU A 142 29.57 -9.31 -4.85
C GLU A 142 28.76 -8.92 -3.61
N ARG A 143 28.15 -7.74 -3.62
CA ARG A 143 27.32 -7.27 -2.48
C ARG A 143 25.82 -7.39 -2.74
N LEU A 144 25.44 -7.67 -3.99
CA LEU A 144 24.01 -7.74 -4.34
C LEU A 144 23.35 -8.97 -3.72
N SER A 145 22.25 -8.73 -3.00
CA SER A 145 21.34 -9.77 -2.58
C SER A 145 20.12 -9.78 -3.51
N ARG A 146 19.62 -10.98 -3.82
CA ARG A 146 18.35 -11.15 -4.53
CA ARG A 146 18.36 -11.12 -4.53
C ARG A 146 17.25 -11.60 -3.61
N GLN A 147 17.48 -11.51 -2.29
CA GLN A 147 16.40 -11.74 -1.35
CA GLN A 147 16.41 -11.74 -1.33
C GLN A 147 15.33 -10.67 -1.51
N ARG A 148 14.09 -11.08 -1.30
CA ARG A 148 12.98 -10.11 -1.28
C ARG A 148 13.19 -9.08 -0.18
N VAL A 149 13.69 -9.50 0.97
CA VAL A 149 14.07 -8.64 2.09
C VAL A 149 15.47 -9.08 2.55
N CYS A 150 16.39 -8.12 2.55
CA CYS A 150 17.78 -8.36 2.92
C CYS A 150 18.16 -7.54 4.16
N TYR A 151 18.58 -8.20 5.24
CA TYR A 151 19.11 -7.55 6.42
C TYR A 151 20.62 -7.75 6.49
N TYR A 152 21.33 -6.65 6.64
CA TYR A 152 22.78 -6.66 6.81
C TYR A 152 23.10 -6.05 8.18
N ALA A 153 23.32 -6.94 9.15
CA ALA A 153 23.37 -6.55 10.55
C ALA A 153 24.55 -5.62 10.85
N THR A 154 25.68 -5.86 10.20
CA THR A 154 26.92 -5.13 10.47
C THR A 154 26.77 -3.62 10.36
N GLN A 155 25.90 -3.16 9.46
CA GLN A 155 25.65 -1.74 9.27
C GLN A 155 24.17 -1.40 9.56
N HIS A 156 23.48 -2.26 10.30
CA HIS A 156 22.07 -2.04 10.69
C HIS A 156 21.24 -1.59 9.49
N LEU A 157 21.29 -2.37 8.41
CA LEU A 157 20.68 -1.96 7.14
C LEU A 157 19.68 -3.01 6.64
N LEU A 158 18.46 -2.56 6.36
CA LEU A 158 17.42 -3.43 5.82
C LEU A 158 17.04 -2.91 4.45
N THR A 159 17.09 -3.77 3.43
CA THR A 159 16.66 -3.35 2.12
C THR A 159 15.66 -4.34 1.53
N SER A 160 14.90 -3.86 0.54
CA SER A 160 13.90 -4.69 -0.08
C SER A 160 13.64 -4.19 -1.51
N GLN A 161 12.84 -4.92 -2.27
CA GLN A 161 12.81 -4.79 -3.73
C GLN A 161 11.72 -3.92 -4.36
N GLY A 162 10.48 -3.96 -3.91
CA GLY A 162 9.46 -3.26 -4.69
C GLY A 162 8.11 -3.26 -4.04
N PRO A 163 7.11 -2.79 -4.78
CA PRO A 163 5.77 -2.69 -4.23
C PRO A 163 5.30 -4.02 -3.61
N GLY A 164 5.56 -5.12 -4.30
CA GLY A 164 5.12 -6.43 -3.87
C GLY A 164 5.90 -7.04 -2.73
N THR A 165 6.98 -6.38 -2.29
CA THR A 165 7.72 -6.79 -1.10
C THR A 165 7.55 -5.81 0.06
N ALA A 166 6.76 -4.76 -0.10
CA ALA A 166 6.71 -3.70 0.87
C ALA A 166 6.13 -4.17 2.22
N LEU A 167 5.08 -5.00 2.17
CA LEU A 167 4.52 -5.53 3.39
CA LEU A 167 4.51 -5.53 3.43
C LEU A 167 5.53 -6.41 4.13
N GLU A 168 6.20 -7.30 3.40
CA GLU A 168 7.24 -8.15 3.96
C GLU A 168 8.33 -7.31 4.60
N PHE A 169 8.73 -6.24 3.94
CA PHE A 169 9.76 -5.31 4.41
C PHE A 169 9.32 -4.62 5.70
N ALA A 170 8.12 -4.03 5.72
CA ALA A 170 7.65 -3.34 6.91
C ALA A 170 7.51 -4.30 8.10
N LEU A 171 7.03 -5.51 7.86
CA LEU A 171 6.93 -6.51 8.92
C LEU A 171 8.31 -6.92 9.44
N ALA A 172 9.29 -7.04 8.54
CA ALA A 172 10.66 -7.32 8.97
C ALA A 172 11.22 -6.19 9.84
N ILE A 174 9.46 -4.32 11.85
CA ILE A 174 8.87 -4.54 13.16
C ILE A 174 9.59 -5.66 13.91
N ALA A 175 9.86 -6.77 13.22
CA ALA A 175 10.56 -7.89 13.85
C ALA A 175 11.91 -7.43 14.41
N LEU A 176 12.66 -6.64 13.64
CA LEU A 176 13.97 -6.16 14.08
C LEU A 176 13.88 -5.20 15.24
N LEU A 177 12.91 -4.29 15.19
CA LEU A 177 12.82 -3.22 16.19
C LEU A 177 12.12 -3.65 17.49
N ALA A 178 11.18 -4.57 17.40
CA ALA A 178 10.27 -4.87 18.51
C ALA A 178 10.07 -6.35 18.74
N GLY A 179 10.68 -7.20 17.93
CA GLY A 179 10.63 -8.64 18.11
C GLY A 179 9.66 -9.33 17.17
N VAL A 180 9.96 -10.58 16.87
CA VAL A 180 9.13 -11.31 15.92
C VAL A 180 7.71 -11.55 16.47
N GLU A 181 7.54 -11.64 17.79
CA GLU A 181 6.21 -11.87 18.30
C GLU A 181 5.23 -10.75 17.91
N LEU A 182 5.61 -9.51 18.11
CA LEU A 182 4.76 -8.40 17.69
C LEU A 182 4.57 -8.44 16.17
N ALA A 183 5.63 -8.67 15.41
CA ALA A 183 5.51 -8.72 13.96
C ALA A 183 4.48 -9.77 13.54
N GLN A 184 4.51 -10.93 14.18
CA GLN A 184 3.56 -12.01 13.86
C GLN A 184 2.14 -11.58 14.17
N HIS A 185 1.93 -10.91 15.31
CA HIS A 185 0.61 -10.48 15.68
C HIS A 185 0.09 -9.42 14.72
N VAL A 186 0.95 -8.53 14.24
CA VAL A 186 0.56 -7.51 13.29
C VAL A 186 0.28 -8.15 11.91
N ALA A 187 1.09 -9.14 11.54
CA ALA A 187 0.93 -9.78 10.24
C ALA A 187 -0.35 -10.58 10.10
N ALA A 188 -0.82 -11.22 11.15
CA ALA A 188 -1.90 -12.18 11.02
C ALA A 188 -3.14 -11.56 10.33
N PRO A 189 -3.61 -10.39 10.77
CA PRO A 189 -4.79 -9.78 10.11
C PRO A 189 -4.60 -9.26 8.72
N VAL A 191 -3.73 -10.85 5.98
CA VAL A 191 -4.04 -11.81 4.89
C VAL A 191 -2.88 -11.84 3.90
N LEU A 192 -1.66 -11.95 4.46
CA LEU A 192 -0.49 -12.25 3.65
CA LEU A 192 -0.49 -12.25 3.63
C LEU A 192 -0.69 -13.56 2.92
N HIS A 193 0.05 -13.72 1.83
CA HIS A 193 0.14 -15.01 1.21
C HIS A 193 0.81 -15.93 2.25
N PRO A 194 0.38 -17.19 2.34
CA PRO A 194 0.98 -18.11 3.31
C PRO A 194 2.52 -18.15 3.31
N GLN A 195 3.14 -18.00 2.14
CA GLN A 195 4.59 -18.00 2.04
C GLN A 195 5.19 -16.77 2.72
N GLN A 196 4.53 -15.62 2.53
CA GLN A 196 4.98 -14.39 3.17
C GLN A 196 4.95 -14.57 4.70
N LEU A 197 3.86 -15.11 5.20
CA LEU A 197 3.73 -15.27 6.66
C LEU A 197 4.78 -16.20 7.25
N THR A 198 5.00 -17.34 6.59
CA THR A 198 6.04 -18.27 7.03
C THR A 198 7.42 -17.65 7.11
N GLU A 199 7.75 -16.85 6.12
CA GLU A 199 9.06 -16.24 6.05
C GLU A 199 9.23 -15.15 7.09
N LEU A 200 8.16 -14.44 7.44
CA LEU A 200 8.24 -13.51 8.54
C LEU A 200 8.52 -14.23 9.85
N SER A 201 7.78 -15.31 10.11
CA SER A 201 7.94 -16.02 11.38
C SER A 201 9.35 -16.58 11.54
N GLY A 202 10.00 -16.88 10.43
CA GLY A 202 11.38 -17.39 10.47
C GLY A 202 12.47 -16.34 10.33
N PHE A 203 12.08 -15.07 10.18
CA PHE A 203 13.02 -14.02 9.79
C PHE A 203 14.12 -13.79 10.80
N ILE A 204 13.76 -13.66 12.08
CA ILE A 204 14.78 -13.40 13.10
C ILE A 204 15.68 -14.65 13.31
N ASP A 205 15.06 -15.83 13.29
CA ASP A 205 15.84 -17.08 13.42
C ASP A 205 16.88 -17.19 12.33
N ALA A 206 16.56 -16.71 11.13
CA ALA A 206 17.49 -16.73 10.00
C ALA A 206 18.69 -15.78 10.18
N GLN A 207 18.69 -14.94 11.23
CA GLN A 207 19.83 -14.04 11.48
C GLN A 207 20.90 -14.66 12.40
N SER B 9 -9.35 5.09 -22.18
N SER B 9 -9.32 5.08 -22.18
CA SER B 9 -8.80 4.60 -20.92
CA SER B 9 -8.80 4.60 -20.90
C SER B 9 -9.90 4.35 -19.90
C SER B 9 -9.96 4.28 -19.98
N LYS B 10 -9.84 3.22 -19.19
CA LYS B 10 -10.92 2.92 -18.25
C LYS B 10 -10.93 3.91 -17.10
N ARG B 11 -12.12 4.23 -16.64
CA ARG B 11 -12.34 5.21 -15.60
C ARG B 11 -12.85 4.52 -14.34
N ILE B 12 -12.14 4.73 -13.24
CA ILE B 12 -12.47 4.05 -11.98
C ILE B 12 -12.76 5.07 -10.90
N LEU B 13 -13.87 4.88 -10.20
CA LEU B 13 -14.21 5.67 -9.02
C LEU B 13 -13.81 4.93 -7.76
N VAL B 14 -13.02 5.60 -6.91
CA VAL B 14 -12.59 5.05 -5.64
C VAL B 14 -13.07 5.99 -4.53
N PRO B 15 -14.20 5.65 -3.89
CA PRO B 15 -14.65 6.45 -2.75
C PRO B 15 -13.72 6.26 -1.56
N VAL B 16 -13.57 7.32 -0.79
CA VAL B 16 -12.83 7.31 0.45
C VAL B 16 -13.62 8.01 1.52
N ALA B 17 -13.37 7.63 2.77
CA ALA B 17 -14.03 8.24 3.92
C ALA B 17 -13.05 8.29 5.09
N HIS B 18 -13.39 9.09 6.09
CA HIS B 18 -12.70 9.03 7.37
C HIS B 18 -12.69 7.58 7.83
N GLY B 19 -11.52 7.04 8.12
CA GLY B 19 -11.38 5.68 8.55
C GLY B 19 -11.20 4.65 7.46
N SER B 20 -11.19 5.04 6.18
CA SER B 20 -10.83 4.12 5.13
C SER B 20 -9.43 3.58 5.37
N GLU B 21 -9.22 2.34 4.96
CA GLU B 21 -7.92 1.69 5.07
C GLU B 21 -7.01 2.27 3.98
N GLU B 22 -6.02 3.03 4.40
CA GLU B 22 -5.20 3.79 3.45
C GLU B 22 -4.29 2.94 2.61
N GLU B 24 -4.98 -0.21 1.63
CA GLU B 24 -5.86 -0.77 0.64
C GLU B 24 -6.17 0.26 -0.43
N THR B 25 -6.54 1.47 -0.02
CA THR B 25 -6.89 2.52 -0.95
C THR B 25 -5.77 2.82 -1.91
N VAL B 26 -4.59 3.06 -1.38
CA VAL B 26 -3.47 3.50 -2.20
C VAL B 26 -2.94 2.37 -3.09
N ILE B 27 -2.95 1.13 -2.60
CA ILE B 27 -2.62 -0.02 -3.46
C ILE B 27 -3.56 -0.05 -4.66
N ILE B 28 -4.85 0.11 -4.42
CA ILE B 28 -5.81 0.11 -5.50
C ILE B 28 -5.53 1.25 -6.49
N VAL B 29 -5.44 2.47 -5.99
CA VAL B 29 -5.28 3.61 -6.86
C VAL B 29 -3.98 3.49 -7.68
N ASP B 30 -2.87 3.24 -7.01
CA ASP B 30 -1.57 3.17 -7.66
C ASP B 30 -1.57 2.09 -8.74
N THR B 31 -2.05 0.89 -8.40
CA THR B 31 -2.03 -0.22 -9.35
C THR B 31 -2.88 0.10 -10.58
N LEU B 32 -4.05 0.71 -10.37
CA LEU B 32 -4.90 1.06 -11.50
C LEU B 32 -4.29 2.17 -12.35
N VAL B 33 -3.65 3.15 -11.74
CA VAL B 33 -2.95 4.18 -12.48
C VAL B 33 -1.80 3.59 -13.30
N ARG B 34 -1.12 2.58 -12.76
CA ARG B 34 -0.08 1.88 -13.51
C ARG B 34 -0.61 1.25 -14.80
N ALA B 35 -1.89 0.89 -14.81
CA ALA B 35 -2.53 0.28 -15.98
C ALA B 35 -2.95 1.32 -17.03
N GLY B 36 -2.70 2.60 -16.77
CA GLY B 36 -3.15 3.68 -17.65
C GLY B 36 -4.59 4.09 -17.43
N PHE B 37 -5.22 3.63 -16.35
CA PHE B 37 -6.60 4.00 -16.06
C PHE B 37 -6.68 5.40 -15.46
N GLN B 38 -7.85 6.02 -15.61
CA GLN B 38 -8.15 7.32 -15.01
C GLN B 38 -8.89 7.05 -13.71
N VAL B 39 -8.22 7.32 -12.59
CA VAL B 39 -8.72 6.96 -11.27
C VAL B 39 -9.09 8.21 -10.52
N THR B 40 -10.34 8.27 -10.08
CA THR B 40 -10.86 9.39 -9.32
C THR B 40 -11.14 8.96 -7.89
N ALA B 42 -12.88 10.04 -4.49
CA ALA B 42 -13.99 10.92 -4.15
C ALA B 42 -14.36 10.73 -2.67
N ALA B 43 -14.48 11.83 -1.93
CA ALA B 43 -14.64 11.76 -0.49
C ALA B 43 -16.10 11.76 -0.06
N VAL B 44 -16.44 10.86 0.86
CA VAL B 44 -17.70 10.90 1.58
C VAL B 44 -17.58 12.00 2.64
N GLY B 45 -18.62 12.82 2.75
CA GLY B 45 -18.65 13.93 3.70
C GLY B 45 -18.37 15.25 3.05
N ASP B 46 -18.08 16.26 3.87
CA ASP B 46 -17.99 17.64 3.37
C ASP B 46 -16.57 18.17 3.24
N LYS B 47 -15.59 17.28 3.37
CA LYS B 47 -14.17 17.61 3.23
C LYS B 47 -13.54 16.73 2.14
N LEU B 48 -12.66 17.30 1.34
CA LEU B 48 -11.98 16.50 0.33
C LEU B 48 -10.82 15.68 0.87
N GLN B 49 -10.23 16.10 1.99
CA GLN B 49 -9.21 15.31 2.64
C GLN B 49 -9.82 14.61 3.83
N VAL B 50 -9.61 13.30 3.90
CA VAL B 50 -10.10 12.48 4.99
C VAL B 50 -8.94 11.68 5.57
N GLN B 51 -8.96 11.44 6.88
CA GLN B 51 -7.90 10.73 7.52
C GLN B 51 -8.19 9.25 7.51
N GLY B 52 -7.23 8.50 7.00
CA GLY B 52 -7.32 7.07 6.99
C GLY B 52 -7.24 6.46 8.39
N SER B 53 -7.54 5.18 8.44
CA SER B 53 -7.56 4.39 9.67
C SER B 53 -6.28 4.49 10.52
N ARG B 54 -5.14 4.58 9.85
CA ARG B 54 -3.83 4.64 10.52
C ARG B 54 -3.21 6.02 10.43
N GLY B 55 -4.06 7.03 10.21
CA GLY B 55 -3.68 8.43 10.29
C GLY B 55 -3.24 9.07 8.98
N VAL B 56 -3.09 8.30 7.91
CA VAL B 56 -2.61 8.85 6.65
C VAL B 56 -3.72 9.65 5.98
N TRP B 57 -3.43 10.89 5.63
CA TRP B 57 -4.41 11.72 4.93
C TRP B 57 -4.58 11.31 3.50
N LEU B 58 -5.83 11.09 3.10
CA LEU B 58 -6.20 10.76 1.72
C LEU B 58 -6.85 11.99 1.11
N THR B 59 -6.30 12.47 0.00
CA THR B 59 -6.81 13.66 -0.67
C THR B 59 -7.61 13.27 -1.89
N ALA B 60 -8.92 13.44 -1.80
CA ALA B 60 -9.81 13.17 -2.89
C ALA B 60 -9.83 14.38 -3.85
N GLU B 61 -10.21 14.09 -5.10
CA GLU B 61 -10.32 15.11 -6.13
CA GLU B 61 -10.35 15.06 -6.20
C GLU B 61 -11.68 15.78 -6.14
N GLN B 62 -12.73 15.10 -5.69
CA GLN B 62 -14.09 15.61 -5.74
C GLN B 62 -14.93 14.91 -4.68
N THR B 63 -16.11 15.46 -4.47
CA THR B 63 -17.02 14.91 -3.49
C THR B 63 -17.75 13.68 -4.04
N LEU B 64 -17.86 12.66 -3.20
CA LEU B 64 -18.55 11.43 -3.59
C LEU B 64 -20.00 11.70 -3.91
N GLU B 65 -20.62 12.57 -3.14
CA GLU B 65 -22.05 12.72 -3.20
C GLU B 65 -22.53 13.31 -4.54
N ALA B 66 -21.65 13.98 -5.28
CA ALA B 66 -22.03 14.50 -6.59
C ALA B 66 -21.61 13.59 -7.76
N CYS B 67 -20.95 12.49 -7.48
CA CYS B 67 -20.55 11.55 -8.55
C CYS B 67 -21.77 10.84 -9.11
N SER B 68 -21.68 10.50 -10.40
CA SER B 68 -22.66 9.64 -11.05
CA SER B 68 -22.67 9.60 -11.02
C SER B 68 -21.94 8.44 -11.66
N ALA B 69 -22.58 7.26 -11.61
CA ALA B 69 -22.01 6.06 -12.21
C ALA B 69 -21.75 6.24 -13.70
N GLU B 70 -22.55 7.06 -14.37
CA GLU B 70 -22.42 7.28 -15.80
C GLU B 70 -21.03 7.77 -16.20
N ALA B 71 -20.35 8.44 -15.27
CA ALA B 71 -19.05 9.03 -15.57
C ALA B 71 -17.88 8.03 -15.41
N PHE B 72 -18.17 6.77 -15.09
CA PHE B 72 -17.13 5.79 -14.79
C PHE B 72 -17.42 4.45 -15.41
N ASP B 73 -16.38 3.62 -15.50
CA ASP B 73 -16.49 2.24 -15.93
C ASP B 73 -16.56 1.23 -14.80
N ALA B 74 -16.09 1.59 -13.61
CA ALA B 74 -16.07 0.63 -12.50
C ALA B 74 -15.98 1.41 -11.19
N LEU B 75 -16.42 0.74 -10.14
CA LEU B 75 -16.40 1.27 -8.77
C LEU B 75 -15.51 0.35 -7.93
N ALA B 76 -14.56 0.92 -7.20
CA ALA B 76 -13.68 0.15 -6.31
C ALA B 76 -13.79 0.74 -4.90
N LEU B 77 -14.26 -0.08 -3.97
CA LEU B 77 -14.48 0.33 -2.59
C LEU B 77 -13.40 -0.22 -1.66
N PRO B 78 -12.55 0.65 -1.10
CA PRO B 78 -11.61 0.23 -0.06
CA PRO B 78 -11.63 0.14 -0.09
C PRO B 78 -12.37 -0.24 1.18
N GLY B 79 -11.66 -0.96 2.03
CA GLY B 79 -12.11 -1.32 3.35
C GLY B 79 -11.68 -0.32 4.41
N GLY B 80 -11.37 -0.86 5.59
CA GLY B 80 -11.23 -0.08 6.80
C GLY B 80 -12.56 -0.10 7.53
N VAL B 81 -12.56 -0.45 8.81
CA VAL B 81 -13.84 -0.58 9.52
C VAL B 81 -14.58 0.76 9.59
N GLY B 82 -13.90 1.82 10.00
CA GLY B 82 -14.56 3.10 10.06
C GLY B 82 -15.00 3.61 8.71
N GLY B 83 -14.19 3.38 7.69
CA GLY B 83 -14.55 3.79 6.35
C GLY B 83 -15.74 3.04 5.81
N ALA B 84 -15.75 1.74 6.01
CA ALA B 84 -16.88 0.93 5.58
C ALA B 84 -18.17 1.31 6.30
N GLN B 85 -18.05 1.63 7.59
CA GLN B 85 -19.23 2.10 8.33
C GLN B 85 -19.72 3.43 7.75
N ALA B 86 -18.82 4.31 7.41
CA ALA B 86 -19.18 5.58 6.77
C ALA B 86 -19.86 5.35 5.42
N PHE B 87 -19.36 4.38 4.65
CA PHE B 87 -19.99 4.01 3.39
C PHE B 87 -21.43 3.52 3.64
N ALA B 88 -21.59 2.65 4.63
CA ALA B 88 -22.90 2.06 4.92
C ALA B 88 -23.91 3.11 5.40
N ASP B 89 -23.38 4.19 5.97
CA ASP B 89 -24.19 5.28 6.48
CA ASP B 89 -24.17 5.30 6.49
C ASP B 89 -24.42 6.39 5.44
N SER B 90 -23.94 6.19 4.20
CA SER B 90 -24.06 7.20 3.17
C SER B 90 -25.12 6.78 2.15
N THR B 91 -26.24 7.47 2.14
CA THR B 91 -27.28 7.17 1.13
C THR B 91 -26.72 7.29 -0.27
N ALA B 92 -25.92 8.31 -0.51
CA ALA B 92 -25.33 8.51 -1.83
C ALA B 92 -24.50 7.29 -2.23
N LEU B 93 -23.65 6.80 -1.32
CA LEU B 93 -22.80 5.66 -1.64
C LEU B 93 -23.63 4.43 -1.96
N LEU B 94 -24.63 4.16 -1.13
CA LEU B 94 -25.45 2.99 -1.36
C LEU B 94 -26.23 3.04 -2.70
N ALA B 95 -26.77 4.21 -3.04
CA ALA B 95 -27.50 4.36 -4.30
C ALA B 95 -26.53 4.23 -5.48
N LEU B 96 -25.30 4.70 -5.30
CA LEU B 96 -24.27 4.63 -6.32
C LEU B 96 -23.84 3.20 -6.63
N ILE B 97 -23.74 2.36 -5.61
CA ILE B 97 -23.46 0.95 -5.83
C ILE B 97 -24.49 0.36 -6.79
N ASP B 98 -25.76 0.62 -6.52
CA ASP B 98 -26.81 0.05 -7.34
C ASP B 98 -26.81 0.65 -8.75
N ALA B 99 -26.47 1.93 -8.89
CA ALA B 99 -26.38 2.56 -10.22
C ALA B 99 -25.28 1.88 -11.04
N PHE B 100 -24.10 1.67 -10.44
CA PHE B 100 -23.05 0.97 -11.18
C PHE B 100 -23.51 -0.40 -11.61
N SER B 101 -24.09 -1.18 -10.72
CA SER B 101 -24.48 -2.53 -11.06
CA SER B 101 -24.42 -2.53 -11.09
C SER B 101 -25.53 -2.57 -12.15
N GLN B 102 -26.48 -1.66 -12.04
CA GLN B 102 -27.62 -1.64 -12.97
C GLN B 102 -27.23 -1.05 -14.33
N GLN B 103 -26.09 -0.37 -14.40
CA GLN B 103 -25.48 0.05 -15.65
C GLN B 103 -24.59 -1.02 -16.24
N GLY B 104 -24.51 -2.19 -15.59
CA GLY B 104 -23.77 -3.31 -16.10
C GLY B 104 -22.30 -3.30 -15.76
N LYS B 105 -21.90 -2.52 -14.78
CA LYS B 105 -20.49 -2.26 -14.51
C LYS B 105 -19.97 -3.02 -13.32
N LEU B 106 -18.67 -3.29 -13.37
CA LEU B 106 -17.93 -3.93 -12.28
C LEU B 106 -17.99 -3.08 -11.01
N VAL B 107 -18.39 -3.73 -9.92
CA VAL B 107 -18.30 -3.22 -8.57
C VAL B 107 -17.33 -4.14 -7.83
N ALA B 108 -16.33 -3.53 -7.21
CA ALA B 108 -15.27 -4.24 -6.54
C ALA B 108 -15.14 -3.71 -5.11
N ALA B 109 -14.91 -4.61 -4.14
CA ALA B 109 -14.75 -4.17 -2.75
C ALA B 109 -13.87 -5.13 -2.00
N ILE B 110 -13.16 -4.60 -1.01
CA ILE B 110 -12.22 -5.39 -0.25
C ILE B 110 -12.33 -5.27 1.27
N ALA B 112 -13.24 -5.11 4.97
CA ALA B 112 -14.45 -4.90 5.74
C ALA B 112 -15.69 -4.64 4.88
N THR B 113 -15.47 -4.05 3.71
CA THR B 113 -16.60 -3.50 2.97
C THR B 113 -17.64 -4.49 2.48
N PRO B 114 -17.24 -5.67 1.98
CA PRO B 114 -18.32 -6.59 1.56
C PRO B 114 -19.24 -7.00 2.70
N ALA B 115 -18.68 -7.06 3.92
CA ALA B 115 -19.50 -7.40 5.10
C ALA B 115 -20.30 -6.22 5.63
N LEU B 116 -19.61 -5.13 5.90
CA LEU B 116 -20.22 -3.99 6.59
C LEU B 116 -21.07 -3.13 5.66
N VAL B 117 -20.87 -3.23 4.34
CA VAL B 117 -21.70 -2.53 3.36
C VAL B 117 -22.61 -3.51 2.66
N PHE B 118 -22.09 -4.47 1.91
CA PHE B 118 -22.98 -5.28 1.08
C PHE B 118 -23.89 -6.17 1.91
N ALA B 119 -23.33 -6.92 2.84
CA ALA B 119 -24.16 -7.84 3.63
C ALA B 119 -25.13 -7.05 4.50
N LYS B 120 -24.65 -6.05 5.22
CA LYS B 120 -25.49 -5.31 6.16
C LYS B 120 -26.56 -4.46 5.45
N GLN B 121 -26.24 -3.92 4.29
CA GLN B 121 -27.18 -3.05 3.59
C GLN B 121 -27.88 -3.74 2.43
N GLN B 122 -27.75 -5.07 2.39
CA GLN B 122 -28.51 -5.90 1.49
CA GLN B 122 -28.48 -5.93 1.47
C GLN B 122 -28.21 -5.55 0.01
N LYS B 123 -26.91 -5.51 -0.34
CA LYS B 123 -26.45 -5.39 -1.74
C LYS B 123 -25.91 -6.76 -2.19
N PHE B 124 -26.13 -7.12 -3.46
CA PHE B 124 -25.59 -8.36 -4.04
C PHE B 124 -26.09 -9.57 -3.29
N VAL B 125 -27.38 -9.53 -3.02
CA VAL B 125 -28.11 -10.67 -2.57
C VAL B 125 -27.96 -11.77 -3.64
N GLY B 126 -27.61 -12.94 -3.20
CA GLY B 126 -27.46 -14.05 -4.07
C GLY B 126 -26.05 -14.20 -4.59
N ALA B 127 -25.18 -13.21 -4.39
CA ALA B 127 -23.83 -13.28 -4.95
C ALA B 127 -22.88 -14.01 -4.03
N ARG B 128 -21.97 -14.74 -4.64
CA ARG B 128 -20.79 -15.22 -3.93
C ARG B 128 -19.87 -14.03 -3.66
N THR B 130 -16.30 -12.82 -0.89
CA THR B 130 -15.42 -12.94 0.24
C THR B 130 -15.30 -11.59 0.93
N CYS B 131 -14.56 -11.60 2.03
CA CYS B 131 -14.32 -10.42 2.85
C CYS B 131 -13.19 -10.74 3.81
N HIS B 132 -12.88 -9.84 4.74
CA HIS B 132 -11.85 -10.17 5.69
C HIS B 132 -12.28 -11.37 6.52
N PRO B 133 -11.35 -12.27 6.87
CA PRO B 133 -11.70 -13.41 7.69
C PRO B 133 -12.43 -13.05 8.98
N ASN B 134 -12.14 -11.91 9.59
CA ASN B 134 -12.80 -11.52 10.83
C ASN B 134 -14.24 -11.10 10.64
N PHE B 135 -14.70 -11.02 9.38
CA PHE B 135 -16.09 -10.74 9.05
C PHE B 135 -16.76 -11.88 8.30
N PHE B 136 -16.11 -13.03 8.16
CA PHE B 136 -16.72 -14.17 7.46
C PHE B 136 -18.12 -14.49 8.01
N ASP B 137 -18.32 -14.31 9.31
CA ASP B 137 -19.60 -14.62 9.94
C ASP B 137 -20.74 -13.71 9.49
N HIS B 138 -20.43 -12.64 8.78
CA HIS B 138 -21.46 -11.75 8.21
C HIS B 138 -22.04 -12.24 6.90
N ILE B 139 -21.39 -13.22 6.26
CA ILE B 139 -21.76 -13.67 4.94
C ILE B 139 -22.48 -15.01 5.07
N PRO B 140 -23.67 -15.14 4.46
CA PRO B 140 -24.39 -16.42 4.49
C PRO B 140 -23.46 -17.54 4.03
N SER B 141 -23.46 -18.66 4.76
CA SER B 141 -22.46 -19.69 4.55
C SER B 141 -22.47 -20.23 3.13
N GLU B 142 -23.66 -20.30 2.51
CA GLU B 142 -23.77 -20.83 1.17
C GLU B 142 -23.28 -19.85 0.09
N ARG B 143 -23.03 -18.60 0.45
CA ARG B 143 -22.51 -17.63 -0.51
CA ARG B 143 -22.54 -17.54 -0.44
C ARG B 143 -21.07 -17.19 -0.18
N LEU B 144 -20.54 -17.60 0.96
CA LEU B 144 -19.20 -17.17 1.37
C LEU B 144 -18.13 -17.90 0.59
N SER B 145 -17.25 -17.14 -0.04
CA SER B 145 -16.02 -17.64 -0.59
C SER B 145 -14.89 -17.33 0.37
N ARG B 146 -14.00 -18.29 0.54
CA ARG B 146 -12.79 -18.10 1.31
CA ARG B 146 -12.79 -18.08 1.31
C ARG B 146 -11.57 -17.93 0.41
N GLN B 147 -11.84 -17.75 -0.90
N GLN B 147 -11.77 -17.77 -0.88
CA GLN B 147 -10.83 -17.37 -1.91
CA GLN B 147 -10.63 -17.50 -1.73
C GLN B 147 -10.22 -16.00 -1.57
C GLN B 147 -10.21 -16.04 -1.60
N ARG B 148 -8.95 -15.78 -1.90
CA ARG B 148 -8.33 -14.48 -1.68
C ARG B 148 -8.99 -13.38 -2.49
N VAL B 149 -9.37 -13.72 -3.73
CA VAL B 149 -10.12 -12.86 -4.62
C VAL B 149 -11.27 -13.69 -5.18
N CYS B 150 -12.48 -13.13 -5.14
CA CYS B 150 -13.67 -13.85 -5.57
C CYS B 150 -14.38 -12.98 -6.62
N TYR B 151 -14.57 -13.52 -7.82
CA TYR B 151 -15.37 -12.87 -8.86
C TYR B 151 -16.65 -13.63 -9.06
N TYR B 152 -17.76 -12.91 -9.03
CA TYR B 152 -19.10 -13.45 -9.28
C TYR B 152 -19.65 -12.75 -10.51
N ALA B 153 -19.52 -13.40 -11.66
CA ALA B 153 -19.69 -12.76 -12.95
C ALA B 153 -21.13 -12.29 -13.21
N THR B 154 -22.10 -13.06 -12.71
CA THR B 154 -23.53 -12.77 -12.93
C THR B 154 -23.92 -11.35 -12.48
N GLN B 155 -23.27 -10.89 -11.42
CA GLN B 155 -23.54 -9.58 -10.87
C GLN B 155 -22.33 -8.65 -10.96
N HIS B 156 -21.37 -9.00 -11.81
CA HIS B 156 -20.18 -8.17 -12.05
C HIS B 156 -19.59 -7.72 -10.72
N LEU B 157 -19.32 -8.66 -9.83
CA LEU B 157 -18.92 -8.35 -8.46
C LEU B 157 -17.58 -8.99 -8.15
N LEU B 158 -16.63 -8.17 -7.77
CA LEU B 158 -15.30 -8.64 -7.37
C LEU B 158 -15.06 -8.29 -5.91
N THR B 159 -14.71 -9.28 -5.08
CA THR B 159 -14.42 -9.04 -3.70
C THR B 159 -13.09 -9.66 -3.30
N SER B 160 -12.52 -9.15 -2.20
CA SER B 160 -11.24 -9.67 -1.73
C SER B 160 -11.11 -9.41 -0.24
N GLN B 161 -10.03 -9.92 0.37
CA GLN B 161 -9.97 -10.10 1.82
C GLN B 161 -9.24 -9.08 2.66
N GLY B 162 -8.14 -8.49 2.22
CA GLY B 162 -7.37 -7.67 3.15
C GLY B 162 -6.21 -6.98 2.52
N PRO B 163 -5.45 -6.25 3.33
CA PRO B 163 -4.27 -5.54 2.81
C PRO B 163 -3.33 -6.42 1.97
N GLY B 164 -3.13 -7.64 2.44
CA GLY B 164 -2.24 -8.59 1.77
C GLY B 164 -2.78 -9.21 0.51
N THR B 165 -4.06 -8.96 0.22
CA THR B 165 -4.66 -9.38 -1.04
C THR B 165 -4.99 -8.20 -1.96
N ALA B 166 -4.66 -6.97 -1.57
CA ALA B 166 -5.09 -5.80 -2.30
C ALA B 166 -4.43 -5.72 -3.67
N LEU B 167 -3.14 -6.07 -3.78
CA LEU B 167 -2.49 -6.06 -5.08
CA LEU B 167 -2.48 -6.10 -5.11
C LEU B 167 -3.13 -7.11 -6.01
N GLU B 168 -3.37 -8.33 -5.50
CA GLU B 168 -4.04 -9.36 -6.27
C GLU B 168 -5.40 -8.87 -6.75
N PHE B 169 -6.14 -8.20 -5.87
CA PHE B 169 -7.46 -7.66 -6.16
C PHE B 169 -7.41 -6.62 -7.29
N ALA B 170 -6.49 -5.66 -7.18
CA ALA B 170 -6.40 -4.60 -8.17
C ALA B 170 -5.98 -5.17 -9.51
N LEU B 171 -5.05 -6.13 -9.52
CA LEU B 171 -4.65 -6.78 -10.77
C LEU B 171 -5.80 -7.55 -11.40
N ALA B 172 -6.63 -8.19 -10.59
CA ALA B 172 -7.84 -8.84 -11.10
C ALA B 172 -8.80 -7.83 -11.73
N ILE B 174 -7.91 -5.08 -13.22
CA ILE B 174 -7.32 -4.73 -14.53
C ILE B 174 -7.65 -5.83 -15.54
N ALA B 175 -7.46 -7.07 -15.14
CA ALA B 175 -7.71 -8.17 -16.05
C ALA B 175 -9.15 -8.16 -16.55
N LEU B 176 -10.09 -7.94 -15.64
CA LEU B 176 -11.51 -7.95 -15.98
C LEU B 176 -11.87 -6.80 -16.90
N LEU B 177 -11.30 -5.63 -16.65
CA LEU B 177 -11.68 -4.44 -17.38
C LEU B 177 -10.97 -4.31 -18.72
N ALA B 178 -9.72 -4.75 -18.80
CA ALA B 178 -8.87 -4.42 -19.92
C ALA B 178 -8.02 -5.56 -20.42
N GLY B 179 -8.21 -6.77 -19.89
CA GLY B 179 -7.57 -7.97 -20.41
C GLY B 179 -6.40 -8.44 -19.56
N VAL B 180 -6.17 -9.75 -19.60
CA VAL B 180 -5.12 -10.33 -18.78
CA VAL B 180 -5.12 -10.39 -18.82
C VAL B 180 -3.72 -9.89 -19.22
N GLU B 181 -3.54 -9.58 -20.51
CA GLU B 181 -2.25 -9.12 -20.99
C GLU B 181 -1.82 -7.83 -20.28
N LEU B 182 -2.71 -6.87 -20.20
CA LEU B 182 -2.41 -5.63 -19.48
C LEU B 182 -2.14 -5.92 -18.00
N ALA B 183 -2.96 -6.77 -17.40
CA ALA B 183 -2.76 -7.07 -15.98
C ALA B 183 -1.37 -7.68 -15.75
N GLN B 184 -0.98 -8.59 -16.64
CA GLN B 184 0.35 -9.21 -16.50
C GLN B 184 1.47 -8.21 -16.72
N HIS B 185 1.30 -7.26 -17.64
CA HIS B 185 2.30 -6.23 -17.88
C HIS B 185 2.44 -5.35 -16.65
N VAL B 186 1.32 -4.97 -16.04
CA VAL B 186 1.36 -4.14 -14.84
C VAL B 186 2.02 -4.88 -13.68
N ALA B 187 1.72 -6.17 -13.53
CA ALA B 187 2.27 -6.96 -12.44
C ALA B 187 3.77 -7.21 -12.59
N ALA B 188 4.25 -7.32 -13.82
CA ALA B 188 5.61 -7.82 -14.12
C ALA B 188 6.70 -7.19 -13.28
N PRO B 189 6.78 -5.85 -13.20
CA PRO B 189 7.90 -5.25 -12.48
C PRO B 189 7.69 -5.10 -10.99
N VAL B 191 7.29 -7.06 -8.37
CA VAL B 191 7.88 -8.00 -7.41
C VAL B 191 6.82 -8.62 -6.50
N LEU B 192 5.70 -9.01 -7.08
CA LEU B 192 4.75 -9.93 -6.48
CA LEU B 192 4.80 -9.84 -6.28
C LEU B 192 5.47 -11.18 -6.04
N HIS B 193 4.97 -11.90 -5.04
CA HIS B 193 5.46 -13.24 -4.81
C HIS B 193 5.01 -14.08 -6.02
N PRO B 194 5.90 -14.95 -6.56
CA PRO B 194 5.49 -15.75 -7.73
C PRO B 194 4.13 -16.45 -7.56
N GLN B 195 3.82 -16.88 -6.35
CA GLN B 195 2.57 -17.61 -6.13
C GLN B 195 1.38 -16.68 -6.10
N GLN B 196 1.57 -15.37 -5.95
CA GLN B 196 0.46 -14.42 -6.03
C GLN B 196 -0.02 -14.16 -7.43
N LEU B 197 0.78 -14.58 -8.42
N LEU B 197 0.77 -14.58 -8.42
CA LEU B 197 0.56 -14.35 -9.84
CA LEU B 197 0.46 -14.38 -9.84
C LEU B 197 0.03 -15.56 -10.61
C LEU B 197 -0.12 -15.58 -10.56
N THR B 198 -0.04 -16.74 -9.94
CA THR B 198 -0.56 -17.95 -10.56
C THR B 198 -2.06 -17.99 -10.98
N GLU B 199 -2.96 -17.30 -10.29
CA GLU B 199 -4.37 -17.30 -10.72
C GLU B 199 -4.84 -16.03 -11.44
N LEU B 200 -3.96 -15.04 -11.49
CA LEU B 200 -4.28 -13.78 -12.14
C LEU B 200 -4.68 -14.26 -13.50
N SER B 201 -4.09 -15.39 -13.84
CA SER B 201 -4.38 -16.05 -15.09
C SER B 201 -5.71 -16.81 -15.02
N GLY B 202 -6.78 -16.13 -15.41
CA GLY B 202 -8.13 -16.65 -15.37
C GLY B 202 -9.15 -15.67 -14.80
N PHE B 203 -8.94 -14.38 -15.03
CA PHE B 203 -9.95 -13.39 -14.67
C PHE B 203 -10.59 -12.77 -15.91
#